data_5RYS
#
_entry.id   5RYS
#
_cell.length_a   38.690
_cell.length_b   77.630
_cell.length_c   99.610
_cell.angle_alpha   90.000
_cell.angle_beta   90.000
_cell.angle_gamma   90.000
#
_symmetry.space_group_name_H-M   'P 21 21 21'
#
loop_
_entity.id
_entity.type
_entity.pdbx_description
1 polymer 'Isoform 2 of Band 4.1-like protein 3'
2 non-polymer "N-(4-chlorophenyl)-N'-[(2R)-1-hydroxybutan-2-yl]urea"
3 non-polymer 'DIMETHYL SULFOXIDE'
4 non-polymer 1,2-ETHANEDIOL
5 water water
#
_entity_poly.entity_id   1
_entity_poly.type   'polypeptide(L)'
_entity_poly.pdbx_seq_one_letter_code
;SMPKSMQCKVILLDGSEYTCDVEKRSRGQVLFDKVCEHLNLLEKDYFGLTYRDAENQKNWLDPAKEIKKQVRSGAWHFSF
NVKFYPPDPAQLSEDITRYYLCLQLRDDIVSGRLPCSFVTLALLGSYTVQSELGDYDPDECGSDYISEFRFAPNHTKELE
DKVIELHKSHRGMTPAEAEMHFLENAKKLSMYGVDLHHAKDSEGVEIMLGVCASGLLIYRDRLRINRFAWPKVLKISYKR
NNFYIKIRPGEFEQFESTIGFKLPNHRAAKRLWKVCVEHHTFFRLL
;
_entity_poly.pdbx_strand_id   A
#
# COMPACT_ATOMS: atom_id res chain seq x y z
N PRO A 3 -33.09 13.72 7.70
CA PRO A 3 -31.92 12.85 8.01
C PRO A 3 -30.62 13.50 7.52
N LYS A 4 -29.78 13.96 8.43
CA LYS A 4 -28.65 14.86 8.11
C LYS A 4 -27.46 14.12 7.51
N SER A 5 -26.93 14.63 6.40
N SER A 5 -26.98 14.62 6.38
CA SER A 5 -25.85 13.99 5.59
CA SER A 5 -25.87 14.06 5.56
C SER A 5 -24.61 14.88 5.55
C SER A 5 -24.59 14.87 5.84
N MET A 6 -23.43 14.25 5.59
CA MET A 6 -22.12 14.95 5.58
C MET A 6 -21.50 14.73 4.20
N GLN A 7 -20.93 15.78 3.62
CA GLN A 7 -20.22 15.68 2.34
C GLN A 7 -18.88 14.95 2.55
N CYS A 8 -18.60 13.94 1.74
CA CYS A 8 -17.33 13.20 1.79
C CYS A 8 -16.55 13.49 0.53
N LYS A 9 -15.24 13.74 0.65
CA LYS A 9 -14.36 13.93 -0.52
C LYS A 9 -13.26 12.87 -0.46
N VAL A 10 -13.15 12.09 -1.53
CA VAL A 10 -12.23 10.92 -1.60
C VAL A 10 -11.25 11.17 -2.73
N ILE A 11 -9.95 11.22 -2.46
CA ILE A 11 -8.89 11.24 -3.50
C ILE A 11 -8.75 9.81 -4.03
N LEU A 12 -9.05 9.61 -5.31
CA LEU A 12 -8.92 8.31 -6.00
C LEU A 12 -7.50 8.10 -6.48
N LEU A 13 -7.16 6.87 -6.89
CA LEU A 13 -5.76 6.53 -7.20
C LEU A 13 -5.28 7.21 -8.49
N ASP A 14 -6.18 7.71 -9.34
CA ASP A 14 -5.83 8.49 -10.56
C ASP A 14 -5.62 9.96 -10.18
N GLY A 15 -5.77 10.29 -8.89
CA GLY A 15 -5.47 11.64 -8.36
C GLY A 15 -6.67 12.57 -8.47
N SER A 16 -7.79 12.08 -8.98
CA SER A 16 -9.05 12.87 -9.06
C SER A 16 -9.88 12.66 -7.78
N GLU A 17 -10.91 13.49 -7.62
CA GLU A 17 -11.71 13.65 -6.38
C GLU A 17 -13.12 13.12 -6.62
N TYR A 18 -13.56 12.14 -5.84
CA TYR A 18 -14.98 11.73 -5.80
C TYR A 18 -15.65 12.40 -4.60
N THR A 19 -16.80 13.03 -4.82
CA THR A 19 -17.64 13.64 -3.76
C THR A 19 -18.96 12.88 -3.65
N CYS A 20 -19.37 12.55 -2.43
CA CYS A 20 -20.70 11.98 -2.16
C CYS A 20 -21.15 12.42 -0.77
N ASP A 21 -22.37 12.05 -0.41
CA ASP A 21 -22.96 12.38 0.90
C ASP A 21 -23.28 11.06 1.56
N VAL A 22 -23.13 10.99 2.87
CA VAL A 22 -23.62 9.85 3.68
C VAL A 22 -24.32 10.41 4.90
N GLU A 23 -25.25 9.68 5.48
CA GLU A 23 -25.86 10.07 6.76
C GLU A 23 -24.73 10.22 7.80
N LYS A 24 -24.80 11.23 8.66
CA LYS A 24 -23.67 11.65 9.53
C LYS A 24 -23.29 10.54 10.52
N ARG A 25 -24.21 9.62 10.88
CA ARG A 25 -23.95 8.48 11.79
C ARG A 25 -23.51 7.21 11.02
N SER A 26 -23.30 7.30 9.72
CA SER A 26 -22.89 6.20 8.83
C SER A 26 -21.59 5.55 9.30
N ARG A 27 -21.54 4.23 9.22
CA ARG A 27 -20.30 3.41 9.37
C ARG A 27 -19.44 3.59 8.13
N GLY A 28 -18.14 3.35 8.26
CA GLY A 28 -17.21 3.48 7.13
C GLY A 28 -17.61 2.63 5.94
N GLN A 29 -18.17 1.42 6.16
CA GLN A 29 -18.54 0.52 5.04
C GLN A 29 -19.41 1.29 4.04
N VAL A 30 -20.31 2.14 4.55
CA VAL A 30 -21.32 2.84 3.70
C VAL A 30 -20.57 3.65 2.65
N LEU A 31 -19.61 4.50 3.06
CA LEU A 31 -18.80 5.33 2.13
C LEU A 31 -17.94 4.42 1.24
N PHE A 32 -17.28 3.43 1.82
CA PHE A 32 -16.44 2.48 1.05
C PHE A 32 -17.27 1.86 -0.10
N ASP A 33 -18.47 1.38 0.20
CA ASP A 33 -19.34 0.73 -0.83
C ASP A 33 -19.63 1.75 -1.95
N LYS A 34 -19.93 3.01 -1.61
CA LYS A 34 -20.19 4.06 -2.63
C LYS A 34 -18.94 4.23 -3.50
N VAL A 35 -17.75 4.30 -2.90
CA VAL A 35 -16.53 4.58 -3.70
C VAL A 35 -16.27 3.40 -4.64
N CYS A 36 -16.40 2.20 -4.12
CA CYS A 36 -16.16 0.94 -4.88
C CYS A 36 -17.16 0.83 -6.04
N GLU A 37 -18.44 1.16 -5.82
CA GLU A 37 -19.44 1.19 -6.92
C GLU A 37 -18.99 2.21 -7.97
N HIS A 38 -18.61 3.41 -7.55
CA HIS A 38 -18.13 4.44 -8.48
C HIS A 38 -16.99 3.88 -9.32
N LEU A 39 -16.10 3.10 -8.69
CA LEU A 39 -14.87 2.59 -9.37
C LEU A 39 -15.15 1.32 -10.21
N ASN A 40 -16.36 0.74 -10.12
CA ASN A 40 -16.76 -0.56 -10.73
C ASN A 40 -15.88 -1.68 -10.17
N LEU A 41 -15.57 -1.61 -8.88
CA LEU A 41 -14.64 -2.56 -8.24
C LEU A 41 -15.48 -3.56 -7.46
N LEU A 42 -15.30 -4.84 -7.77
CA LEU A 42 -15.95 -5.98 -7.10
C LEU A 42 -14.98 -6.66 -6.13
N GLU A 43 -13.69 -6.71 -6.44
CA GLU A 43 -12.73 -7.37 -5.53
C GLU A 43 -12.31 -6.35 -4.48
N LYS A 44 -13.24 -5.99 -3.60
CA LYS A 44 -13.08 -4.86 -2.65
C LYS A 44 -12.15 -5.19 -1.46
N ASP A 45 -11.90 -6.49 -1.18
CA ASP A 45 -11.23 -6.94 0.06
C ASP A 45 -9.79 -6.43 0.16
N TYR A 46 -9.14 -6.07 -0.96
CA TYR A 46 -7.73 -5.60 -0.92
C TYR A 46 -7.63 -4.12 -0.60
N PHE A 47 -8.75 -3.39 -0.55
CA PHE A 47 -8.73 -1.91 -0.51
C PHE A 47 -9.39 -1.39 0.76
N GLY A 48 -9.23 -0.10 0.96
CA GLY A 48 -9.78 0.61 2.10
C GLY A 48 -9.69 2.10 1.86
N LEU A 49 -10.24 2.83 2.80
CA LEU A 49 -10.08 4.30 2.82
C LEU A 49 -9.16 4.67 3.97
N THR A 50 -8.35 5.69 3.75
CA THR A 50 -7.54 6.31 4.81
C THR A 50 -8.06 7.73 5.06
N TYR A 51 -7.73 8.22 6.24
CA TYR A 51 -7.95 9.63 6.63
C TYR A 51 -6.70 10.03 7.43
N ARG A 52 -6.55 11.34 7.63
CA ARG A 52 -5.46 11.93 8.44
C ARG A 52 -6.05 12.30 9.79
N ASP A 53 -5.38 11.91 10.88
CA ASP A 53 -5.89 12.16 12.25
C ASP A 53 -5.37 13.53 12.65
N ALA A 54 -5.71 13.95 13.89
CA ALA A 54 -5.37 15.27 14.46
C ALA A 54 -3.86 15.45 14.49
N GLU A 55 -3.07 14.37 14.56
CA GLU A 55 -1.57 14.42 14.53
C GLU A 55 -1.02 14.30 13.09
N ASN A 56 -1.88 14.30 12.06
CA ASN A 56 -1.52 14.17 10.61
C ASN A 56 -1.03 12.76 10.26
N GLN A 57 -1.34 11.75 11.06
CA GLN A 57 -0.95 10.35 10.73
C GLN A 57 -2.06 9.77 9.83
N LYS A 58 -1.69 8.97 8.85
CA LYS A 58 -2.62 8.13 8.06
C LYS A 58 -3.22 7.04 8.96
N ASN A 59 -4.54 6.93 8.93
CA ASN A 59 -5.30 5.86 9.62
C ASN A 59 -6.19 5.18 8.58
N TRP A 60 -6.39 3.88 8.71
CA TRP A 60 -7.44 3.17 7.94
C TRP A 60 -8.78 3.51 8.58
N LEU A 61 -9.75 3.88 7.76
CA LEU A 61 -11.15 4.04 8.18
C LEU A 61 -11.69 2.65 8.46
N ASP A 62 -12.14 2.40 9.69
CA ASP A 62 -12.72 1.08 10.05
C ASP A 62 -14.14 1.04 9.50
N PRO A 63 -14.42 0.11 8.57
CA PRO A 63 -15.73 0.06 7.92
C PRO A 63 -16.85 -0.32 8.88
N ALA A 64 -16.48 -0.96 9.99
CA ALA A 64 -17.41 -1.41 11.05
C ALA A 64 -17.76 -0.30 12.03
N LYS A 65 -17.04 0.82 12.04
CA LYS A 65 -17.24 1.89 13.05
C LYS A 65 -17.79 3.15 12.40
N GLU A 66 -18.43 4.00 13.20
CA GLU A 66 -18.99 5.26 12.68
C GLU A 66 -17.83 6.09 12.11
N ILE A 67 -18.07 6.71 10.98
CA ILE A 67 -17.11 7.66 10.36
C ILE A 67 -16.81 8.80 11.33
N LYS A 68 -17.85 9.38 11.95
CA LYS A 68 -17.64 10.59 12.79
C LYS A 68 -16.77 10.23 13.99
N LYS A 69 -16.77 8.99 14.51
CA LYS A 69 -16.00 8.61 15.71
C LYS A 69 -14.54 8.31 15.39
N GLN A 70 -14.20 8.29 14.10
CA GLN A 70 -12.81 8.12 13.61
C GLN A 70 -12.28 9.49 13.19
N VAL A 71 -12.94 10.21 12.30
CA VAL A 71 -12.39 11.51 11.79
C VAL A 71 -12.47 12.56 12.92
N ARG A 72 -13.42 12.39 13.85
CA ARG A 72 -13.54 13.18 15.11
C ARG A 72 -13.64 14.67 14.75
N SER A 73 -12.60 15.45 14.96
CA SER A 73 -12.64 16.92 14.76
C SER A 73 -12.16 17.29 13.35
N GLY A 74 -11.68 16.31 12.57
CA GLY A 74 -11.12 16.56 11.22
C GLY A 74 -12.17 16.63 10.13
N ALA A 75 -11.71 17.04 8.96
CA ALA A 75 -12.49 17.08 7.71
C ALA A 75 -12.88 15.66 7.31
N TRP A 76 -13.99 15.53 6.61
CA TRP A 76 -14.43 14.23 6.00
C TRP A 76 -13.80 14.10 4.61
N HIS A 77 -12.49 13.97 4.67
CA HIS A 77 -11.58 13.88 3.51
C HIS A 77 -10.83 12.55 3.65
N PHE A 78 -10.76 11.80 2.58
CA PHE A 78 -10.27 10.39 2.60
C PHE A 78 -9.42 10.17 1.36
N SER A 79 -8.60 9.11 1.34
CA SER A 79 -8.00 8.60 0.10
C SER A 79 -8.42 7.15 -0.05
N PHE A 80 -8.61 6.73 -1.30
CA PHE A 80 -8.80 5.32 -1.66
C PHE A 80 -7.45 4.65 -1.90
N ASN A 81 -7.19 3.54 -1.23
CA ASN A 81 -5.85 2.91 -1.20
C ASN A 81 -5.95 1.40 -1.17
N VAL A 82 -4.89 0.78 -1.63
CA VAL A 82 -4.64 -0.66 -1.40
C VAL A 82 -4.25 -0.86 0.06
N LYS A 83 -4.98 -1.73 0.75
CA LYS A 83 -4.76 -2.07 2.17
C LYS A 83 -3.93 -3.36 2.24
N PHE A 84 -4.34 -4.36 1.48
CA PHE A 84 -3.66 -5.68 1.46
C PHE A 84 -3.11 -5.91 0.06
N TYR A 85 -1.78 -5.89 -0.09
CA TYR A 85 -1.13 -6.03 -1.41
C TYR A 85 -1.05 -7.53 -1.70
N PRO A 86 -1.73 -8.05 -2.73
CA PRO A 86 -1.74 -9.50 -2.96
C PRO A 86 -0.35 -9.99 -3.35
N PRO A 87 0.19 -11.05 -2.72
CA PRO A 87 1.49 -11.57 -3.11
C PRO A 87 1.45 -12.07 -4.56
N ASP A 88 0.31 -12.49 -5.05
CA ASP A 88 0.28 -12.97 -6.44
C ASP A 88 -0.89 -12.35 -7.20
N PRO A 89 -0.66 -11.14 -7.79
CA PRO A 89 -1.73 -10.43 -8.46
C PRO A 89 -2.35 -11.20 -9.62
N ALA A 90 -1.62 -12.14 -10.22
CA ALA A 90 -2.15 -12.99 -11.31
C ALA A 90 -3.37 -13.74 -10.80
N GLN A 91 -3.46 -14.00 -9.50
CA GLN A 91 -4.58 -14.79 -8.92
C GLN A 91 -5.82 -13.91 -8.74
N LEU A 92 -5.72 -12.58 -8.89
CA LEU A 92 -6.95 -11.74 -8.79
C LEU A 92 -7.89 -12.07 -9.94
N SER A 93 -9.19 -12.05 -9.70
CA SER A 93 -10.19 -12.51 -10.69
C SER A 93 -10.39 -11.44 -11.78
N GLU A 94 -10.19 -10.14 -11.50
CA GLU A 94 -10.50 -9.09 -12.51
C GLU A 94 -9.30 -8.20 -12.88
N ASP A 95 -9.26 -7.84 -14.15
CA ASP A 95 -8.31 -6.88 -14.73
C ASP A 95 -8.47 -5.54 -14.02
N ILE A 96 -9.67 -5.15 -13.64
CA ILE A 96 -9.84 -3.77 -13.08
C ILE A 96 -9.21 -3.71 -11.69
N THR A 97 -9.19 -4.82 -10.97
CA THR A 97 -8.53 -4.94 -9.65
C THR A 97 -7.05 -4.71 -9.88
N ARG A 98 -6.47 -5.39 -10.88
CA ARG A 98 -5.02 -5.26 -11.15
C ARG A 98 -4.71 -3.83 -11.57
N TYR A 99 -5.62 -3.20 -12.30
CA TYR A 99 -5.50 -1.79 -12.71
C TYR A 99 -5.35 -0.87 -11.48
N TYR A 100 -6.25 -0.93 -10.51
CA TYR A 100 -6.16 -0.07 -9.30
C TYR A 100 -4.89 -0.41 -8.54
N LEU A 101 -4.53 -1.71 -8.48
CA LEU A 101 -3.28 -2.14 -7.82
C LEU A 101 -2.08 -1.46 -8.50
N CYS A 102 -2.05 -1.43 -9.84
CA CYS A 102 -0.96 -0.71 -10.57
C CYS A 102 -0.94 0.76 -10.15
N LEU A 103 -2.10 1.42 -10.17
CA LEU A 103 -2.14 2.87 -9.84
C LEU A 103 -1.57 3.08 -8.43
N GLN A 104 -1.91 2.23 -7.48
CA GLN A 104 -1.38 2.40 -6.10
C GLN A 104 0.14 2.26 -6.11
N LEU A 105 0.64 1.22 -6.79
CA LEU A 105 2.07 0.93 -6.90
C LEU A 105 2.83 2.08 -7.55
N ARG A 106 2.27 2.68 -8.60
CA ARG A 106 2.87 3.86 -9.28
C ARG A 106 3.12 4.95 -8.23
N ASP A 107 2.14 5.21 -7.36
CA ASP A 107 2.27 6.20 -6.26
C ASP A 107 3.31 5.75 -5.24
N ASP A 108 3.30 4.48 -4.88
CA ASP A 108 4.31 3.92 -3.97
C ASP A 108 5.69 4.18 -4.55
N ILE A 109 5.85 4.08 -5.87
CA ILE A 109 7.17 4.26 -6.51
C ILE A 109 7.53 5.74 -6.59
N VAL A 110 6.68 6.57 -7.19
CA VAL A 110 6.97 8.02 -7.37
C VAL A 110 7.27 8.65 -6.00
N SER A 111 6.55 8.24 -4.97
CA SER A 111 6.62 8.80 -3.59
C SER A 111 7.93 8.40 -2.91
N GLY A 112 8.59 7.35 -3.40
CA GLY A 112 9.80 6.78 -2.75
C GLY A 112 9.49 5.75 -1.69
N ARG A 113 8.22 5.49 -1.36
CA ARG A 113 7.85 4.45 -0.38
C ARG A 113 8.31 3.07 -0.86
N LEU A 114 8.35 2.84 -2.18
CA LEU A 114 8.73 1.51 -2.71
C LEU A 114 10.04 1.67 -3.50
N PRO A 115 11.20 1.44 -2.88
CA PRO A 115 12.49 1.67 -3.54
C PRO A 115 12.60 0.70 -4.70
N CYS A 116 13.37 1.09 -5.71
N CYS A 116 13.16 1.18 -5.81
CA CYS A 116 13.38 0.41 -7.01
CA CYS A 116 13.38 0.44 -7.08
C CYS A 116 14.66 0.77 -7.77
C CYS A 116 14.78 0.72 -7.61
N SER A 117 15.33 -0.22 -8.38
CA SER A 117 16.56 -0.01 -9.17
C SER A 117 16.19 0.82 -10.41
N PHE A 118 17.17 1.50 -10.97
CA PHE A 118 17.06 2.22 -12.25
C PHE A 118 16.35 1.36 -13.30
N VAL A 119 16.83 0.13 -13.51
CA VAL A 119 16.28 -0.74 -14.57
C VAL A 119 14.82 -1.09 -14.28
N THR A 120 14.48 -1.41 -13.03
CA THR A 120 13.08 -1.71 -12.66
C THR A 120 12.21 -0.46 -12.79
N LEU A 121 12.68 0.73 -12.41
CA LEU A 121 11.90 1.97 -12.66
C LEU A 121 11.58 2.10 -14.16
N ALA A 122 12.56 1.87 -15.03
CA ALA A 122 12.39 1.98 -16.50
C ALA A 122 11.43 0.91 -17.01
N LEU A 123 11.57 -0.33 -16.53
CA LEU A 123 10.68 -1.44 -16.95
C LEU A 123 9.23 -1.16 -16.53
N LEU A 124 9.00 -0.81 -15.28
CA LEU A 124 7.65 -0.42 -14.78
C LEU A 124 7.10 0.75 -15.61
N GLY A 125 7.89 1.79 -15.84
CA GLY A 125 7.50 2.94 -16.64
C GLY A 125 7.07 2.51 -18.04
N SER A 126 7.85 1.63 -18.69
CA SER A 126 7.57 1.16 -20.07
C SER A 126 6.21 0.42 -20.13
N TYR A 127 5.83 -0.30 -19.09
CA TYR A 127 4.56 -1.04 -19.08
C TYR A 127 3.41 -0.05 -18.86
N THR A 128 3.64 0.97 -18.03
CA THR A 128 2.65 2.07 -17.84
C THR A 128 2.39 2.75 -19.19
N VAL A 129 3.45 3.14 -19.87
CA VAL A 129 3.35 3.86 -21.18
C VAL A 129 2.60 2.96 -22.17
N GLN A 130 2.95 1.67 -22.24
CA GLN A 130 2.33 0.74 -23.20
C GLN A 130 0.82 0.66 -22.93
N SER A 131 0.44 0.48 -21.66
N SER A 131 0.44 0.53 -21.66
CA SER A 131 -0.97 0.42 -21.20
CA SER A 131 -0.97 0.39 -21.23
C SER A 131 -1.68 1.72 -21.55
C SER A 131 -1.73 1.72 -21.42
N GLU A 132 -1.05 2.87 -21.24
CA GLU A 132 -1.73 4.21 -21.34
C GLU A 132 -1.74 4.71 -22.79
N LEU A 133 -0.64 4.56 -23.53
CA LEU A 133 -0.53 5.17 -24.89
C LEU A 133 -0.67 4.08 -25.95
N GLY A 134 -0.48 2.80 -25.61
CA GLY A 134 -0.42 1.73 -26.61
C GLY A 134 0.96 1.68 -27.26
N ASP A 135 1.02 1.25 -28.52
CA ASP A 135 2.30 0.91 -29.18
C ASP A 135 3.18 2.15 -29.29
N TYR A 136 4.51 1.98 -29.17
CA TYR A 136 5.51 3.05 -29.35
C TYR A 136 5.25 3.78 -30.69
N ASP A 137 5.30 5.10 -30.67
CA ASP A 137 5.24 5.97 -31.86
C ASP A 137 6.36 7.02 -31.85
N PRO A 138 7.29 6.99 -32.83
CA PRO A 138 8.38 7.96 -32.90
C PRO A 138 7.88 9.41 -33.10
N ASP A 139 6.77 9.59 -33.83
CA ASP A 139 6.18 10.92 -34.14
C ASP A 139 5.97 11.70 -32.84
N GLU A 140 5.57 11.01 -31.76
CA GLU A 140 5.39 11.60 -30.41
C GLU A 140 6.75 11.90 -29.79
N CYS A 141 7.63 10.90 -29.76
CA CYS A 141 8.92 10.91 -29.02
C CYS A 141 10.10 11.20 -29.95
N GLY A 142 10.87 12.24 -29.64
CA GLY A 142 12.17 12.53 -30.28
C GLY A 142 13.31 12.24 -29.32
N SER A 143 14.55 12.54 -29.75
CA SER A 143 15.79 12.33 -28.95
C SER A 143 15.76 13.20 -27.68
N ASP A 144 14.88 14.21 -27.61
CA ASP A 144 14.73 15.12 -26.44
C ASP A 144 13.41 14.85 -25.69
N TYR A 145 12.77 13.69 -25.86
CA TYR A 145 11.46 13.39 -25.24
C TYR A 145 11.56 13.26 -23.72
N ILE A 146 10.55 13.81 -23.04
CA ILE A 146 10.32 13.70 -21.57
C ILE A 146 8.81 13.50 -21.33
N SER A 147 8.43 12.31 -20.83
CA SER A 147 7.02 11.88 -20.66
C SER A 147 6.30 12.82 -19.69
N GLU A 148 4.98 12.93 -19.82
CA GLU A 148 4.13 13.58 -18.80
C GLU A 148 4.07 12.66 -17.57
N PHE A 149 4.34 11.37 -17.78
CA PHE A 149 4.22 10.31 -16.75
C PHE A 149 5.37 10.50 -15.80
N ARG A 150 5.02 10.45 -14.53
CA ARG A 150 5.92 10.39 -13.36
C ARG A 150 6.26 8.92 -13.19
N PHE A 151 7.54 8.58 -13.22
CA PHE A 151 8.08 7.20 -13.12
C PHE A 151 8.84 6.92 -11.83
N ALA A 152 9.30 7.94 -11.10
CA ALA A 152 10.34 7.76 -10.07
C ALA A 152 10.36 9.01 -9.19
N PRO A 153 10.93 8.90 -7.98
CA PRO A 153 11.02 10.03 -7.07
C PRO A 153 11.87 11.16 -7.67
N ASN A 154 12.87 10.79 -8.48
CA ASN A 154 13.75 11.75 -9.19
C ASN A 154 13.87 11.29 -10.65
N HIS A 155 13.56 12.18 -11.59
CA HIS A 155 13.60 11.85 -13.03
C HIS A 155 14.92 12.31 -13.64
N THR A 156 15.52 11.48 -14.49
CA THR A 156 16.73 11.81 -15.27
C THR A 156 16.42 11.53 -16.74
N LYS A 157 17.16 12.20 -17.61
CA LYS A 157 17.02 12.00 -19.06
C LYS A 157 17.37 10.54 -19.38
N GLU A 158 18.35 9.99 -18.68
CA GLU A 158 18.75 8.56 -18.86
C GLU A 158 17.53 7.66 -18.58
N LEU A 159 16.74 7.98 -17.55
CA LEU A 159 15.60 7.10 -17.18
C LEU A 159 14.52 7.23 -18.26
N GLU A 160 14.27 8.45 -18.73
CA GLU A 160 13.28 8.69 -19.79
C GLU A 160 13.69 7.90 -21.04
N ASP A 161 14.99 7.84 -21.34
CA ASP A 161 15.49 7.17 -22.56
C ASP A 161 15.26 5.66 -22.42
N LYS A 162 15.47 5.14 -21.23
CA LYS A 162 15.38 3.69 -21.00
C LYS A 162 13.92 3.26 -21.05
N VAL A 163 13.02 4.09 -20.50
CA VAL A 163 11.56 3.82 -20.65
C VAL A 163 11.22 3.67 -22.13
N ILE A 164 11.67 4.58 -22.97
CA ILE A 164 11.35 4.56 -24.43
C ILE A 164 11.94 3.31 -25.06
N GLU A 165 13.19 2.99 -24.73
CA GLU A 165 13.85 1.79 -25.31
C GLU A 165 13.02 0.54 -24.97
N LEU A 166 12.57 0.39 -23.72
CA LEU A 166 11.79 -0.81 -23.33
C LEU A 166 10.38 -0.72 -23.92
N HIS A 167 9.82 0.48 -23.99
CA HIS A 167 8.50 0.70 -24.64
C HIS A 167 8.54 0.12 -26.07
N LYS A 168 9.62 0.35 -26.80
CA LYS A 168 9.69 -0.13 -28.21
C LYS A 168 9.50 -1.65 -28.25
N SER A 169 9.90 -2.37 -27.19
CA SER A 169 9.94 -3.85 -27.17
C SER A 169 8.53 -4.40 -26.90
N HIS A 170 7.56 -3.58 -26.48
CA HIS A 170 6.22 -4.08 -26.05
C HIS A 170 5.17 -3.96 -27.16
N ARG A 171 5.55 -3.75 -28.43
CA ARG A 171 4.55 -3.62 -29.53
C ARG A 171 3.53 -4.78 -29.50
N GLY A 172 2.22 -4.46 -29.54
CA GLY A 172 1.13 -5.45 -29.61
C GLY A 172 0.58 -5.81 -28.25
N MET A 173 1.18 -5.27 -27.19
CA MET A 173 0.79 -5.63 -25.80
C MET A 173 -0.45 -4.82 -25.44
N THR A 174 -1.47 -5.47 -24.91
CA THR A 174 -2.71 -4.78 -24.51
C THR A 174 -2.55 -4.23 -23.08
N PRO A 175 -3.46 -3.33 -22.68
CA PRO A 175 -3.38 -2.74 -21.34
C PRO A 175 -3.37 -3.79 -20.24
N ALA A 176 -4.24 -4.81 -20.31
CA ALA A 176 -4.32 -5.88 -19.30
C ALA A 176 -3.00 -6.63 -19.21
N GLU A 177 -2.40 -6.93 -20.36
CA GLU A 177 -1.11 -7.65 -20.46
C GLU A 177 0.00 -6.82 -19.83
N ALA A 178 0.08 -5.53 -20.19
CA ALA A 178 1.12 -4.60 -19.67
C ALA A 178 0.94 -4.42 -18.15
N GLU A 179 -0.30 -4.36 -17.66
CA GLU A 179 -0.59 -4.28 -16.21
C GLU A 179 -0.13 -5.56 -15.51
N MET A 180 -0.41 -6.73 -16.08
CA MET A 180 0.05 -8.01 -15.49
C MET A 180 1.59 -8.04 -15.42
N HIS A 181 2.30 -7.63 -16.47
CA HIS A 181 3.77 -7.60 -16.49
C HIS A 181 4.29 -6.59 -15.43
N PHE A 182 3.61 -5.46 -15.35
CA PHE A 182 3.96 -4.45 -14.32
C PHE A 182 3.98 -5.15 -12.95
N LEU A 183 2.89 -5.81 -12.62
CA LEU A 183 2.69 -6.46 -11.32
C LEU A 183 3.65 -7.62 -11.11
N GLU A 184 3.96 -8.40 -12.15
CA GLU A 184 4.91 -9.55 -12.03
C GLU A 184 6.30 -9.04 -11.60
N ASN A 185 6.69 -7.84 -12.05
CA ASN A 185 7.95 -7.17 -11.64
C ASN A 185 7.79 -6.54 -10.25
N ALA A 186 6.76 -5.73 -10.05
CA ALA A 186 6.56 -4.95 -8.80
C ALA A 186 6.50 -5.88 -7.58
N LYS A 187 5.86 -7.05 -7.71
CA LYS A 187 5.54 -7.95 -6.57
C LYS A 187 6.85 -8.55 -6.02
N LYS A 188 7.94 -8.50 -6.77
CA LYS A 188 9.24 -9.08 -6.37
C LYS A 188 10.10 -8.07 -5.61
N LEU A 189 9.74 -6.79 -5.62
CA LEU A 189 10.55 -5.75 -4.94
C LEU A 189 10.53 -6.02 -3.43
N SER A 190 11.67 -5.85 -2.77
CA SER A 190 11.82 -6.28 -1.36
C SER A 190 10.86 -5.49 -0.47
N MET A 191 10.42 -4.29 -0.85
CA MET A 191 9.47 -3.50 0.01
C MET A 191 8.04 -3.51 -0.55
N TYR A 192 7.75 -4.37 -1.52
CA TYR A 192 6.37 -4.54 -2.02
C TYR A 192 5.40 -4.84 -0.88
N GLY A 193 4.38 -3.99 -0.75
CA GLY A 193 3.28 -4.14 0.21
C GLY A 193 3.76 -4.12 1.67
N VAL A 194 4.90 -3.50 1.95
CA VAL A 194 5.44 -3.36 3.33
C VAL A 194 4.99 -2.02 3.89
N ASP A 195 4.22 -2.06 4.97
CA ASP A 195 3.75 -0.88 5.75
C ASP A 195 4.76 -0.67 6.86
N LEU A 196 5.54 0.42 6.81
CA LEU A 196 6.66 0.71 7.75
C LEU A 196 6.17 1.56 8.93
N HIS A 197 6.56 1.14 10.14
CA HIS A 197 6.28 1.87 11.40
C HIS A 197 7.61 2.15 12.12
N HIS A 198 7.93 3.41 12.38
CA HIS A 198 9.06 3.85 13.25
C HIS A 198 8.85 3.35 14.68
N ALA A 199 9.90 2.80 15.29
CA ALA A 199 9.87 2.28 16.68
C ALA A 199 11.28 2.24 17.27
N LYS A 200 11.36 1.96 18.57
CA LYS A 200 12.64 1.66 19.26
C LYS A 200 12.56 0.24 19.81
N ASP A 201 13.69 -0.47 19.79
CA ASP A 201 13.82 -1.79 20.45
C ASP A 201 13.86 -1.57 21.96
N SER A 202 13.87 -2.66 22.73
CA SER A 202 13.92 -2.68 24.22
C SER A 202 15.15 -1.95 24.75
N GLU A 203 16.20 -1.75 23.94
CA GLU A 203 17.43 -1.04 24.36
C GLU A 203 17.38 0.45 23.94
N GLY A 204 16.29 0.90 23.30
CA GLY A 204 16.13 2.30 22.83
C GLY A 204 16.67 2.57 21.43
N VAL A 205 17.20 1.58 20.70
CA VAL A 205 17.79 1.80 19.34
C VAL A 205 16.63 1.93 18.33
N GLU A 206 16.71 2.91 17.44
CA GLU A 206 15.66 3.25 16.44
C GLU A 206 15.65 2.15 15.39
N ILE A 207 14.49 1.56 15.14
CA ILE A 207 14.29 0.48 14.15
C ILE A 207 13.07 0.84 13.30
N MET A 208 12.79 0.03 12.28
CA MET A 208 11.52 0.07 11.54
C MET A 208 10.86 -1.30 11.67
N LEU A 209 9.56 -1.29 11.93
CA LEU A 209 8.71 -2.50 11.89
C LEU A 209 7.89 -2.49 10.58
N GLY A 210 8.03 -3.54 9.79
CA GLY A 210 7.34 -3.67 8.50
C GLY A 210 6.24 -4.69 8.62
N VAL A 211 5.04 -4.35 8.15
CA VAL A 211 3.89 -5.28 8.18
C VAL A 211 3.56 -5.65 6.73
N CYS A 212 3.43 -6.93 6.44
CA CYS A 212 3.07 -7.35 5.07
C CYS A 212 2.49 -8.77 5.09
N ALA A 213 2.17 -9.28 3.91
CA ALA A 213 1.54 -10.60 3.68
C ALA A 213 2.26 -11.72 4.45
N SER A 214 3.58 -11.72 4.46
CA SER A 214 4.38 -12.89 4.92
C SER A 214 4.54 -12.81 6.45
N GLY A 215 4.55 -11.61 7.00
CA GLY A 215 4.66 -11.47 8.46
C GLY A 215 5.14 -10.10 8.87
N LEU A 216 5.82 -10.06 10.01
CA LEU A 216 6.37 -8.86 10.63
C LEU A 216 7.88 -8.85 10.40
N LEU A 217 8.38 -7.72 9.90
CA LEU A 217 9.81 -7.53 9.57
C LEU A 217 10.35 -6.49 10.56
N ILE A 218 11.56 -6.73 11.07
CA ILE A 218 12.33 -5.75 11.89
C ILE A 218 13.58 -5.35 11.12
N TYR A 219 13.63 -4.09 10.66
CA TYR A 219 14.81 -3.45 10.01
C TYR A 219 15.58 -2.68 11.08
N ARG A 220 16.87 -3.00 11.27
CA ARG A 220 17.69 -2.46 12.39
C ARG A 220 18.99 -1.87 11.84
N ASP A 221 19.90 -2.72 11.35
CA ASP A 221 21.29 -2.34 10.97
C ASP A 221 21.44 -2.36 9.45
N ARG A 222 20.41 -2.84 8.75
CA ARG A 222 20.39 -2.98 7.25
C ARG A 222 21.11 -4.26 6.86
N LEU A 223 21.91 -4.84 7.77
CA LEU A 223 22.55 -6.18 7.62
C LEU A 223 21.96 -7.12 8.67
N ARG A 224 21.14 -6.58 9.58
CA ARG A 224 20.39 -7.36 10.59
C ARG A 224 18.89 -7.08 10.42
N ILE A 225 18.23 -7.90 9.59
CA ILE A 225 16.75 -7.85 9.33
C ILE A 225 16.13 -9.14 9.88
N ASN A 226 15.37 -9.01 10.97
CA ASN A 226 14.61 -10.12 11.62
C ASN A 226 13.27 -10.26 10.88
N ARG A 227 12.79 -11.48 10.69
CA ARG A 227 11.52 -11.79 9.99
C ARG A 227 10.72 -12.78 10.83
N PHE A 228 9.45 -12.47 11.09
CA PHE A 228 8.53 -13.34 11.86
C PHE A 228 7.36 -13.66 10.93
N ALA A 229 7.37 -14.84 10.28
CA ALA A 229 6.22 -15.37 9.50
C ALA A 229 4.99 -15.33 10.41
N TRP A 230 3.84 -14.95 9.88
CA TRP A 230 2.58 -14.86 10.68
C TRP A 230 2.41 -16.13 11.53
N PRO A 231 2.61 -17.35 10.98
CA PRO A 231 2.64 -18.56 11.79
C PRO A 231 3.43 -18.51 13.11
N LYS A 232 4.69 -18.03 13.08
CA LYS A 232 5.60 -17.96 14.26
C LYS A 232 5.11 -16.91 15.27
N VAL A 233 4.23 -16.00 14.86
CA VAL A 233 3.65 -14.95 15.75
C VAL A 233 2.45 -15.55 16.48
N LEU A 234 2.55 -15.78 17.79
CA LEU A 234 1.44 -16.42 18.56
C LEU A 234 0.41 -15.36 18.96
N LYS A 235 0.86 -14.21 19.47
CA LYS A 235 -0.04 -13.12 19.93
C LYS A 235 0.65 -11.76 19.83
N ILE A 236 -0.17 -10.73 19.65
CA ILE A 236 0.14 -9.30 19.40
C ILE A 236 -0.55 -8.50 20.51
N SER A 237 0.11 -7.53 21.12
CA SER A 237 -0.56 -6.70 22.15
C SER A 237 0.04 -5.29 22.15
N TYR A 238 -0.69 -4.31 22.67
CA TYR A 238 -0.19 -2.95 22.94
C TYR A 238 -0.59 -2.55 24.37
N LYS A 239 0.20 -1.70 24.97
CA LYS A 239 -0.06 -1.13 26.31
C LYS A 239 0.74 0.15 26.40
N ARG A 240 0.05 1.27 26.65
CA ARG A 240 0.66 2.62 26.69
C ARG A 240 1.35 2.86 25.32
N ASN A 241 2.66 3.13 25.31
CA ASN A 241 3.46 3.44 24.10
C ASN A 241 4.17 2.19 23.59
N ASN A 242 3.80 1.03 24.12
CA ASN A 242 4.56 -0.22 23.87
C ASN A 242 3.74 -1.16 23.00
N PHE A 243 4.44 -1.85 22.12
CA PHE A 243 3.87 -2.90 21.26
C PHE A 243 4.66 -4.17 21.57
N TYR A 244 3.98 -5.30 21.77
CA TYR A 244 4.60 -6.61 22.11
C TYR A 244 4.17 -7.68 21.10
N ILE A 245 5.13 -8.50 20.69
CA ILE A 245 4.80 -9.74 19.97
C ILE A 245 5.39 -10.92 20.75
N LYS A 246 4.59 -11.95 20.84
CA LYS A 246 4.93 -13.24 21.46
C LYS A 246 5.29 -14.19 20.33
N ILE A 247 6.55 -14.65 20.31
CA ILE A 247 7.13 -15.53 19.25
C ILE A 247 7.11 -16.96 19.80
N ARG A 248 6.54 -17.90 19.05
CA ARG A 248 6.28 -19.27 19.55
C ARG A 248 7.62 -19.96 19.79
N PRO A 249 7.68 -20.90 20.77
CA PRO A 249 8.93 -21.57 21.10
C PRO A 249 9.28 -22.44 19.89
N GLY A 250 10.56 -22.55 19.54
CA GLY A 250 11.02 -23.68 18.71
C GLY A 250 10.47 -24.98 19.28
N GLU A 251 10.34 -26.01 18.45
CA GLU A 251 10.04 -27.38 18.93
C GLU A 251 10.91 -27.66 20.16
N PHE A 252 10.33 -28.26 21.20
CA PHE A 252 11.06 -28.72 22.42
C PHE A 252 11.39 -27.55 23.35
N GLU A 253 11.13 -26.28 22.97
CA GLU A 253 11.30 -25.14 23.91
C GLU A 253 10.07 -25.09 24.83
N GLN A 254 10.27 -24.75 26.11
CA GLN A 254 9.19 -24.78 27.13
C GLN A 254 8.28 -23.54 26.98
N PHE A 255 8.85 -22.39 26.59
CA PHE A 255 8.20 -21.04 26.69
C PHE A 255 8.40 -20.19 25.43
N GLU A 256 7.34 -19.45 25.09
CA GLU A 256 7.36 -18.38 24.06
C GLU A 256 8.29 -17.26 24.50
N SER A 257 8.87 -16.52 23.55
CA SER A 257 9.65 -15.28 23.80
C SER A 257 8.74 -14.07 23.56
N THR A 258 8.95 -12.99 24.31
CA THR A 258 8.25 -11.70 24.11
C THR A 258 9.29 -10.72 23.58
N ILE A 259 8.96 -10.05 22.48
CA ILE A 259 9.78 -8.91 22.00
C ILE A 259 8.92 -7.65 22.17
N GLY A 260 9.50 -6.64 22.80
CA GLY A 260 8.81 -5.39 23.13
C GLY A 260 9.38 -4.28 22.30
N PHE A 261 8.51 -3.38 21.81
CA PHE A 261 8.96 -2.17 21.10
C PHE A 261 8.31 -0.94 21.72
N LYS A 262 9.01 0.18 21.62
CA LYS A 262 8.55 1.51 22.05
C LYS A 262 8.11 2.27 20.80
N LEU A 263 6.83 2.63 20.75
CA LEU A 263 6.30 3.48 19.65
C LEU A 263 6.30 4.93 20.12
N PRO A 264 6.23 5.90 19.17
CA PRO A 264 6.24 7.32 19.49
C PRO A 264 5.18 7.74 20.51
N ASN A 265 3.98 7.18 20.44
CA ASN A 265 2.88 7.51 21.38
C ASN A 265 1.92 6.33 21.40
N HIS A 266 0.89 6.43 22.23
CA HIS A 266 -0.09 5.36 22.46
C HIS A 266 -0.88 5.11 21.18
N ARG A 267 -1.18 6.15 20.41
CA ARG A 267 -1.99 6.02 19.16
C ARG A 267 -1.17 5.28 18.11
N ALA A 268 0.15 5.53 18.03
CA ALA A 268 1.04 4.84 17.06
C ALA A 268 1.10 3.34 17.45
N ALA A 269 1.17 3.03 18.75
CA ALA A 269 1.18 1.64 19.24
C ALA A 269 -0.13 0.96 18.83
N LYS A 270 -1.28 1.64 18.99
CA LYS A 270 -2.60 1.03 18.70
C LYS A 270 -2.71 0.77 17.19
N ARG A 271 -2.33 1.74 16.39
CA ARG A 271 -2.38 1.71 14.91
C ARG A 271 -1.55 0.52 14.40
N LEU A 272 -0.35 0.35 14.94
CA LEU A 272 0.53 -0.78 14.54
C LEU A 272 -0.17 -2.09 14.89
N TRP A 273 -0.68 -2.20 16.13
CA TRP A 273 -1.36 -3.42 16.61
C TRP A 273 -2.52 -3.76 15.66
N LYS A 274 -3.29 -2.77 15.25
CA LYS A 274 -4.53 -3.03 14.46
C LYS A 274 -4.15 -3.50 13.05
N VAL A 275 -3.18 -2.87 12.41
CA VAL A 275 -2.73 -3.26 11.05
C VAL A 275 -2.10 -4.66 11.09
N CYS A 276 -1.40 -5.03 12.17
CA CYS A 276 -0.84 -6.40 12.38
C CYS A 276 -1.97 -7.42 12.49
N VAL A 277 -2.96 -7.17 13.35
CA VAL A 277 -4.15 -8.08 13.49
C VAL A 277 -4.85 -8.22 12.13
N GLU A 278 -5.03 -7.12 11.42
CA GLU A 278 -5.74 -7.14 10.11
C GLU A 278 -4.94 -7.94 9.09
N HIS A 279 -3.62 -7.71 8.99
CA HIS A 279 -2.77 -8.48 8.06
C HIS A 279 -2.79 -9.95 8.47
N HIS A 280 -2.69 -10.24 9.76
CA HIS A 280 -2.61 -11.64 10.27
C HIS A 280 -3.89 -12.38 9.87
N THR A 281 -5.05 -11.78 10.11
CA THR A 281 -6.35 -12.39 9.72
C THR A 281 -6.43 -12.53 8.20
N PHE A 282 -6.10 -11.48 7.46
CA PHE A 282 -6.28 -11.49 5.98
C PHE A 282 -5.43 -12.61 5.38
N PHE A 283 -4.17 -12.67 5.79
CA PHE A 283 -3.16 -13.54 5.13
C PHE A 283 -3.16 -14.96 5.73
N ARG A 284 -3.98 -15.19 6.75
CA ARG A 284 -4.29 -16.52 7.36
C ARG A 284 -5.50 -17.16 6.64
N LEU A 285 -6.26 -16.37 5.87
CA LEU A 285 -7.44 -16.83 5.09
C LEU A 285 -7.08 -16.90 3.61
N LEU A 286 -5.86 -16.46 3.27
CA LEU A 286 -5.30 -16.49 1.89
C LEU A 286 -4.35 -17.69 1.77
#